data_6FXD
#
_entry.id   6FXD
#
_cell.length_a   42.330
_cell.length_b   80.090
_cell.length_c   78.820
_cell.angle_alpha   90.00
_cell.angle_beta   101.26
_cell.angle_gamma   90.00
#
_symmetry.space_group_name_H-M   'C 1 2 1'
#
loop_
_entity.id
_entity.type
_entity.pdbx_description
1 polymer MupZ
2 water water
#
_entity_poly.entity_id   1
_entity_poly.type   'polypeptide(L)'
_entity_poly.pdbx_seq_one_letter_code
;MAHHHHHHSSGLEVLFQGPMNRTCMAMPYFEIPERHLEAFKAYCAVFIEKTSKEPGCLYYGFSFNGTQGHCREVYSDAQG
LLNHLVNIAELNSEAFHLASIVRYEVHGPREELDKLRGPLAFMKPQFFELEQCFSRPSVVA
;
_entity_poly.pdbx_strand_id   A,B
#
# COMPACT_ATOMS: atom_id res chain seq x y z
N VAL A 14 -22.17 13.08 12.94
CA VAL A 14 -21.40 14.10 12.24
C VAL A 14 -20.65 13.49 11.07
N LEU A 15 -20.60 14.22 9.94
CA LEU A 15 -20.08 13.66 8.70
C LEU A 15 -19.25 14.72 7.99
N PHE A 16 -18.00 14.38 7.67
CA PHE A 16 -17.11 15.25 6.90
C PHE A 16 -16.86 14.64 5.53
N GLN A 17 -16.94 15.47 4.49
CA GLN A 17 -16.83 15.02 3.11
C GLN A 17 -16.01 16.03 2.32
N GLY A 18 -15.15 15.55 1.44
CA GLY A 18 -14.33 16.41 0.64
C GLY A 18 -13.44 15.62 -0.29
N PRO A 19 -12.70 16.32 -1.15
CA PRO A 19 -11.94 15.63 -2.19
C PRO A 19 -10.75 14.88 -1.65
N MET A 20 -10.41 13.79 -2.33
CA MET A 20 -9.22 13.03 -1.97
C MET A 20 -7.97 13.76 -2.42
N ASN A 21 -6.85 13.41 -1.80
CA ASN A 21 -5.57 13.85 -2.33
C ASN A 21 -5.36 13.26 -3.72
N ARG A 22 -4.54 13.93 -4.52
CA ARG A 22 -4.22 13.43 -5.85
C ARG A 22 -3.20 12.29 -5.83
N THR A 23 -2.64 11.98 -4.66
CA THR A 23 -1.59 10.98 -4.53
C THR A 23 -2.02 9.65 -5.13
N CYS A 24 -1.10 9.03 -5.87
CA CYS A 24 -1.29 7.70 -6.43
C CYS A 24 -0.17 6.79 -5.95
N MET A 25 -0.50 5.52 -5.71
CA MET A 25 0.47 4.53 -5.26
C MET A 25 0.46 3.35 -6.22
N ALA A 26 1.64 2.94 -6.67
CA ALA A 26 1.81 1.77 -7.50
C ALA A 26 2.54 0.70 -6.70
N MET A 27 2.14 -0.56 -6.85
CA MET A 27 2.78 -1.66 -6.13
C MET A 27 2.97 -2.85 -7.06
N PRO A 28 4.12 -2.99 -7.69
CA PRO A 28 4.47 -4.26 -8.34
C PRO A 28 4.92 -5.29 -7.31
N TYR A 29 4.48 -6.54 -7.53
CA TYR A 29 4.91 -7.70 -6.74
C TYR A 29 5.74 -8.57 -7.67
N PHE A 30 6.93 -8.97 -7.21
CA PHE A 30 7.90 -9.68 -8.03
C PHE A 30 8.06 -11.12 -7.55
N GLU A 31 8.12 -12.04 -8.49
CA GLU A 31 8.54 -13.41 -8.23
C GLU A 31 10.00 -13.47 -8.67
N ILE A 32 10.91 -13.67 -7.72
CA ILE A 32 12.35 -13.60 -7.96
C ILE A 32 12.92 -15.00 -7.76
N PRO A 33 13.47 -15.64 -8.79
CA PRO A 33 14.18 -16.91 -8.57
C PRO A 33 15.27 -16.75 -7.51
N GLU A 34 15.40 -17.76 -6.65
CA GLU A 34 16.39 -17.66 -5.58
C GLU A 34 17.78 -17.34 -6.12
N ARG A 35 18.15 -17.92 -7.27
CA ARG A 35 19.48 -17.70 -7.83
C ARG A 35 19.69 -16.25 -8.27
N HIS A 36 18.63 -15.46 -8.39
CA HIS A 36 18.71 -14.07 -8.79
C HIS A 36 18.42 -13.09 -7.66
N LEU A 37 18.11 -13.59 -6.45
CA LEU A 37 17.62 -12.71 -5.39
C LEU A 37 18.65 -11.65 -4.99
N GLU A 38 19.91 -12.05 -4.85
CA GLU A 38 20.92 -11.08 -4.41
C GLU A 38 21.22 -10.05 -5.50
N ALA A 39 21.22 -10.49 -6.77
CA ALA A 39 21.36 -9.54 -7.86
C ALA A 39 20.18 -8.58 -7.93
N PHE A 40 18.96 -9.09 -7.73
CA PHE A 40 17.79 -8.21 -7.68
C PHE A 40 17.95 -7.15 -6.60
N LYS A 41 18.35 -7.57 -5.40
CA LYS A 41 18.53 -6.60 -4.31
C LYS A 41 19.62 -5.57 -4.63
N ALA A 42 20.69 -5.98 -5.30
CA ALA A 42 21.71 -5.02 -5.71
C ALA A 42 21.15 -4.00 -6.68
N TYR A 43 20.38 -4.45 -7.67
CA TYR A 43 19.79 -3.52 -8.64
C TYR A 43 18.80 -2.57 -7.99
N CYS A 44 18.20 -2.96 -6.86
CA CYS A 44 17.27 -2.05 -6.20
C CYS A 44 17.92 -0.71 -5.88
N ALA A 45 19.24 -0.71 -5.56
CA ALA A 45 19.95 0.54 -5.30
C ALA A 45 20.00 1.39 -6.55
N VAL A 46 20.16 0.75 -7.71
CA VAL A 46 20.19 1.47 -8.97
C VAL A 46 18.82 2.09 -9.26
N PHE A 47 17.73 1.32 -9.05
CA PHE A 47 16.42 1.88 -9.32
C PHE A 47 16.07 3.00 -8.35
N ILE A 48 16.47 2.87 -7.08
CA ILE A 48 16.21 3.93 -6.11
C ILE A 48 16.97 5.20 -6.49
N GLU A 49 18.23 5.08 -6.89
CA GLU A 49 18.96 6.27 -7.24
C GLU A 49 18.30 6.99 -8.41
N LYS A 50 17.90 6.23 -9.43
CA LYS A 50 17.29 6.83 -10.61
C LYS A 50 15.98 7.52 -10.25
N THR A 51 15.16 6.85 -9.43
CA THR A 51 13.84 7.38 -9.09
C THR A 51 13.92 8.57 -8.15
N SER A 52 15.00 8.66 -7.36
CA SER A 52 15.10 9.73 -6.38
C SER A 52 15.22 11.11 -7.00
N LYS A 53 15.53 11.20 -8.30
CA LYS A 53 15.62 12.47 -8.98
C LYS A 53 14.29 12.92 -9.58
N GLU A 54 13.22 12.15 -9.41
CA GLU A 54 11.92 12.53 -9.93
C GLU A 54 11.21 13.48 -8.97
N PRO A 55 10.88 14.69 -9.39
CA PRO A 55 10.17 15.62 -8.49
C PRO A 55 8.85 15.08 -7.98
N GLY A 56 8.15 14.28 -8.78
CA GLY A 56 6.85 13.74 -8.42
C GLY A 56 6.86 12.53 -7.53
N CYS A 57 8.02 11.96 -7.23
CA CYS A 57 8.09 10.76 -6.41
C CYS A 57 8.26 11.13 -4.93
N LEU A 58 7.32 10.70 -4.10
CA LEU A 58 7.34 10.98 -2.67
C LEU A 58 7.91 9.83 -1.84
N TYR A 59 7.77 8.59 -2.29
CA TYR A 59 8.26 7.43 -1.55
C TYR A 59 8.54 6.33 -2.56
N TYR A 60 9.64 5.61 -2.38
CA TYR A 60 10.00 4.52 -3.29
C TYR A 60 10.83 3.53 -2.48
N GLY A 61 10.25 2.39 -2.14
CA GLY A 61 10.94 1.44 -1.26
C GLY A 61 10.64 0.00 -1.59
N PHE A 62 11.66 -0.85 -1.45
CA PHE A 62 11.57 -2.27 -1.77
C PHE A 62 11.52 -3.09 -0.49
N SER A 63 10.62 -4.08 -0.46
N SER A 63 10.62 -4.08 -0.46
CA SER A 63 10.45 -4.99 0.68
CA SER A 63 10.46 -4.98 0.68
C SER A 63 10.38 -6.42 0.17
C SER A 63 10.36 -6.42 0.18
N PHE A 64 10.61 -7.38 1.08
CA PHE A 64 10.73 -8.77 0.68
C PHE A 64 10.06 -9.70 1.68
N ASN A 65 9.31 -10.67 1.13
CA ASN A 65 8.77 -11.81 1.85
C ASN A 65 9.49 -13.00 1.25
N GLY A 66 10.69 -13.29 1.75
CA GLY A 66 11.55 -14.30 1.13
C GLY A 66 11.90 -13.90 -0.29
N THR A 67 11.55 -14.75 -1.27
CA THR A 67 11.81 -14.44 -2.67
C THR A 67 10.67 -13.64 -3.32
N GLN A 68 9.64 -13.27 -2.56
CA GLN A 68 8.58 -12.41 -3.08
C GLN A 68 9.01 -10.96 -2.84
N GLY A 69 9.30 -10.22 -3.91
CA GLY A 69 9.67 -8.84 -3.78
C GLY A 69 8.48 -7.91 -3.95
N HIS A 70 8.66 -6.66 -3.54
CA HIS A 70 7.59 -5.67 -3.63
C HIS A 70 8.21 -4.28 -3.67
N CYS A 71 7.60 -3.38 -4.43
CA CYS A 71 7.96 -1.97 -4.38
C CYS A 71 6.74 -1.15 -4.01
N ARG A 72 6.89 -0.23 -3.06
CA ARG A 72 5.83 0.73 -2.72
C ARG A 72 6.25 2.06 -3.34
N GLU A 73 5.49 2.53 -4.33
CA GLU A 73 5.81 3.73 -5.09
C GLU A 73 4.69 4.73 -4.87
N VAL A 74 5.02 5.88 -4.30
CA VAL A 74 4.01 6.90 -4.00
C VAL A 74 4.36 8.15 -4.79
N TYR A 75 3.41 8.66 -5.58
CA TYR A 75 3.62 9.80 -6.45
C TYR A 75 2.61 10.89 -6.11
N SER A 76 3.00 12.15 -6.32
CA SER A 76 2.12 13.23 -5.92
C SER A 76 0.84 13.29 -6.76
N ASP A 77 0.85 12.73 -7.97
CA ASP A 77 -0.33 12.66 -8.83
C ASP A 77 -0.06 11.63 -9.92
N ALA A 78 -1.05 11.45 -10.80
CA ALA A 78 -0.94 10.45 -11.87
C ALA A 78 0.23 10.78 -12.80
N GLN A 79 0.42 12.07 -13.07
CA GLN A 79 1.53 12.49 -13.92
C GLN A 79 2.88 12.05 -13.34
N GLY A 80 3.02 12.05 -12.01
CA GLY A 80 4.26 11.56 -11.43
C GLY A 80 4.52 10.11 -11.76
N LEU A 81 3.49 9.27 -11.73
CA LEU A 81 3.66 7.87 -12.08
C LEU A 81 4.02 7.71 -13.56
N LEU A 82 3.37 8.49 -14.43
CA LEU A 82 3.74 8.45 -15.84
C LEU A 82 5.18 8.91 -16.05
N ASN A 83 5.61 9.94 -15.31
CA ASN A 83 7.00 10.39 -15.46
C ASN A 83 7.96 9.30 -15.04
N HIS A 84 7.60 8.52 -14.02
CA HIS A 84 8.47 7.43 -13.57
C HIS A 84 8.60 6.35 -14.64
N LEU A 85 7.48 6.01 -15.28
CA LEU A 85 7.48 5.03 -16.37
C LEU A 85 8.48 5.42 -17.44
N VAL A 86 8.51 6.70 -17.83
CA VAL A 86 9.46 7.17 -18.84
C VAL A 86 10.88 7.13 -18.29
N ASN A 87 11.07 7.56 -17.03
CA ASN A 87 12.40 7.67 -16.46
C ASN A 87 13.07 6.30 -16.34
N ILE A 88 12.28 5.29 -15.97
CA ILE A 88 12.81 3.98 -15.62
C ILE A 88 12.80 3.01 -16.78
N ALA A 89 12.29 3.42 -17.95
CA ALA A 89 12.06 2.47 -19.03
C ALA A 89 13.34 1.75 -19.41
N GLU A 90 14.44 2.50 -19.54
CA GLU A 90 15.70 1.91 -19.93
C GLU A 90 16.23 0.93 -18.88
N LEU A 91 16.16 1.30 -17.60
CA LEU A 91 16.60 0.41 -16.53
C LEU A 91 15.73 -0.84 -16.45
N ASN A 92 14.41 -0.67 -16.59
CA ASN A 92 13.51 -1.82 -16.57
C ASN A 92 13.91 -2.84 -17.61
N SER A 93 14.23 -2.38 -18.81
CA SER A 93 14.60 -3.29 -19.89
C SER A 93 15.93 -3.98 -19.67
N GLU A 94 16.84 -3.44 -18.87
CA GLU A 94 18.09 -4.19 -18.73
C GLU A 94 18.11 -5.13 -17.53
N ALA A 95 17.44 -4.78 -16.44
CA ALA A 95 17.27 -5.71 -15.33
C ALA A 95 16.07 -6.63 -15.51
N PHE A 96 15.43 -6.56 -16.68
CA PHE A 96 14.24 -7.32 -17.07
C PHE A 96 14.31 -8.79 -16.67
N HIS A 97 15.51 -9.37 -16.71
CA HIS A 97 15.64 -10.82 -16.66
C HIS A 97 15.71 -11.40 -15.25
N LEU A 98 15.73 -10.56 -14.22
CA LEU A 98 15.95 -11.06 -12.86
C LEU A 98 14.68 -11.56 -12.17
N ALA A 99 13.51 -11.15 -12.66
CA ALA A 99 12.28 -11.48 -11.96
C ALA A 99 11.11 -11.30 -12.93
N SER A 100 9.94 -11.75 -12.49
CA SER A 100 8.71 -11.45 -13.22
C SER A 100 7.74 -10.75 -12.28
N ILE A 101 6.94 -9.86 -12.85
CA ILE A 101 5.92 -9.16 -12.07
C ILE A 101 4.65 -10.00 -12.16
N VAL A 102 4.17 -10.44 -10.99
CA VAL A 102 3.00 -11.31 -10.93
C VAL A 102 1.73 -10.59 -10.48
N ARG A 103 1.85 -9.39 -9.92
CA ARG A 103 0.71 -8.56 -9.56
C ARG A 103 1.17 -7.12 -9.70
N TYR A 104 0.28 -6.25 -10.17
CA TYR A 104 0.60 -4.82 -10.27
C TYR A 104 -0.65 -4.03 -9.91
N GLU A 105 -0.61 -3.38 -8.76
CA GLU A 105 -1.77 -2.63 -8.25
C GLU A 105 -1.50 -1.14 -8.34
N VAL A 106 -2.55 -0.37 -8.63
CA VAL A 106 -2.47 1.08 -8.66
C VAL A 106 -3.63 1.60 -7.83
N HIS A 107 -3.33 2.42 -6.81
CA HIS A 107 -4.33 2.98 -5.92
C HIS A 107 -4.32 4.49 -6.02
N GLY A 108 -5.49 5.10 -6.03
CA GLY A 108 -5.61 6.54 -6.10
C GLY A 108 -7.03 6.97 -6.40
N PRO A 109 -7.30 8.27 -6.41
CA PRO A 109 -8.66 8.75 -6.68
C PRO A 109 -9.05 8.51 -8.13
N ARG A 110 -10.37 8.44 -8.35
CA ARG A 110 -10.90 8.08 -9.67
C ARG A 110 -10.37 9.00 -10.77
N GLU A 111 -10.34 10.31 -10.50
CA GLU A 111 -9.98 11.28 -11.53
C GLU A 111 -8.52 11.14 -11.96
N GLU A 112 -7.65 10.72 -11.04
CA GLU A 112 -6.27 10.48 -11.42
C GLU A 112 -6.10 9.12 -12.09
N LEU A 113 -6.80 8.09 -11.58
CA LEU A 113 -6.67 6.78 -12.19
C LEU A 113 -7.20 6.76 -13.62
N ASP A 114 -8.21 7.60 -13.92
CA ASP A 114 -8.66 7.75 -15.30
C ASP A 114 -7.53 8.13 -16.24
N LYS A 115 -6.54 8.88 -15.75
CA LYS A 115 -5.39 9.27 -16.56
C LYS A 115 -4.38 8.14 -16.75
N LEU A 116 -4.52 7.05 -15.98
CA LEU A 116 -3.57 5.95 -16.00
C LEU A 116 -4.07 4.71 -16.72
N ARG A 117 -5.39 4.56 -16.91
CA ARG A 117 -5.92 3.31 -17.45
C ARG A 117 -5.42 3.04 -18.87
N GLY A 118 -5.25 4.09 -19.67
CA GLY A 118 -4.72 3.94 -21.01
C GLY A 118 -3.23 3.64 -21.02
N PRO A 119 -2.40 4.54 -20.46
CA PRO A 119 -0.95 4.31 -20.48
C PRO A 119 -0.49 3.04 -19.79
N LEU A 120 -1.18 2.57 -18.75
CA LEU A 120 -0.72 1.39 -18.01
C LEU A 120 -1.42 0.10 -18.45
N ALA A 121 -2.24 0.16 -19.49
CA ALA A 121 -3.01 -1.03 -19.87
C ALA A 121 -2.09 -2.23 -20.11
N PHE A 122 -0.89 -1.98 -20.63
CA PHE A 122 0.03 -3.07 -20.93
C PHE A 122 0.48 -3.83 -19.68
N MET A 123 0.34 -3.23 -18.50
CA MET A 123 0.67 -3.87 -17.24
C MET A 123 -0.48 -4.67 -16.66
N LYS A 124 -1.65 -4.65 -17.30
CA LYS A 124 -2.88 -5.27 -16.81
C LYS A 124 -3.10 -4.98 -15.33
N PRO A 125 -3.16 -3.72 -14.93
CA PRO A 125 -3.15 -3.40 -13.49
C PRO A 125 -4.47 -3.70 -12.79
N GLN A 126 -4.37 -3.89 -11.49
CA GLN A 126 -5.53 -3.91 -10.61
C GLN A 126 -5.71 -2.49 -10.07
N PHE A 127 -6.76 -1.81 -10.52
CA PHE A 127 -6.99 -0.41 -10.17
C PHE A 127 -7.93 -0.35 -8.98
N PHE A 128 -7.48 0.25 -7.87
CA PHE A 128 -8.27 0.41 -6.66
C PHE A 128 -8.53 1.90 -6.48
N GLU A 129 -9.80 2.31 -6.60
CA GLU A 129 -10.17 3.72 -6.48
C GLU A 129 -10.35 4.10 -5.02
N LEU A 130 -9.55 5.06 -4.56
CA LEU A 130 -9.57 5.51 -3.17
C LEU A 130 -10.82 6.37 -2.94
N GLU A 131 -11.64 6.00 -1.96
CA GLU A 131 -12.93 6.66 -1.76
C GLU A 131 -13.13 7.32 -0.42
N GLN A 132 -12.52 6.81 0.65
CA GLN A 132 -12.67 7.38 1.99
C GLN A 132 -11.33 7.28 2.69
N CYS A 133 -10.96 8.33 3.44
CA CYS A 133 -9.63 8.38 4.02
C CYS A 133 -9.62 9.26 5.26
N PHE A 134 -8.80 8.86 6.24
CA PHE A 134 -8.33 9.69 7.33
C PHE A 134 -6.82 9.79 7.20
N SER A 135 -6.26 10.96 7.51
CA SER A 135 -4.81 11.09 7.43
C SER A 135 -4.35 12.22 8.32
N ARG A 136 -3.06 12.18 8.66
CA ARG A 136 -2.38 13.31 9.30
C ARG A 136 -1.49 13.94 8.25
N PRO A 137 -1.91 15.03 7.61
CA PRO A 137 -1.25 15.48 6.37
C PRO A 137 0.20 15.90 6.54
N SER A 138 0.64 16.18 7.77
CA SER A 138 2.04 16.58 7.95
C SER A 138 3.02 15.46 7.64
N VAL A 139 2.58 14.20 7.67
CA VAL A 139 3.51 13.08 7.54
C VAL A 139 3.13 12.07 6.46
N VAL A 140 1.89 12.00 5.99
CA VAL A 140 1.50 11.03 4.97
C VAL A 140 0.53 11.70 3.99
N ALA A 141 0.78 11.53 2.70
CA ALA A 141 -0.12 12.00 1.66
C ALA A 141 -0.81 10.81 0.98
N ASN B 21 12.95 5.33 11.27
CA ASN B 21 11.58 5.25 10.79
C ASN B 21 11.00 3.88 11.08
N ARG B 22 10.17 3.80 12.12
CA ARG B 22 9.57 2.53 12.52
C ARG B 22 8.19 2.31 11.94
N THR B 23 7.76 3.11 10.97
CA THR B 23 6.38 3.01 10.48
C THR B 23 6.13 1.65 9.85
N CYS B 24 4.95 1.12 10.12
CA CYS B 24 4.48 -0.13 9.53
C CYS B 24 3.19 0.15 8.77
N MET B 25 3.00 -0.61 7.69
CA MET B 25 1.80 -0.47 6.86
C MET B 25 1.08 -1.82 6.83
N ALA B 26 -0.22 -1.80 7.17
CA ALA B 26 -1.06 -2.98 7.10
C ALA B 26 -2.01 -2.83 5.93
N MET B 27 -2.30 -3.93 5.23
CA MET B 27 -3.19 -3.92 4.08
C MET B 27 -4.10 -5.13 4.07
N PRO B 28 -5.32 -5.02 4.60
CA PRO B 28 -6.32 -6.06 4.37
C PRO B 28 -6.94 -5.93 2.99
N TYR B 29 -7.21 -7.08 2.38
CA TYR B 29 -7.96 -7.15 1.13
C TYR B 29 -9.28 -7.86 1.41
N PHE B 30 -10.38 -7.30 0.90
CA PHE B 30 -11.73 -7.74 1.21
C PHE B 30 -12.42 -8.26 -0.04
N GLU B 31 -13.14 -9.38 0.09
CA GLU B 31 -14.06 -9.85 -0.93
C GLU B 31 -15.47 -9.55 -0.43
N ILE B 32 -16.17 -8.67 -1.12
CA ILE B 32 -17.45 -8.13 -0.67
C ILE B 32 -18.55 -8.61 -1.61
N PRO B 33 -19.53 -9.36 -1.14
CA PRO B 33 -20.70 -9.67 -1.99
C PRO B 33 -21.37 -8.39 -2.45
N GLU B 34 -21.87 -8.42 -3.69
CA GLU B 34 -22.38 -7.20 -4.30
C GLU B 34 -23.53 -6.62 -3.51
N ARG B 35 -24.37 -7.49 -2.93
CA ARG B 35 -25.48 -7.06 -2.09
C ARG B 35 -25.04 -6.41 -0.79
N HIS B 36 -23.75 -6.52 -0.42
CA HIS B 36 -23.27 -5.92 0.81
C HIS B 36 -22.37 -4.72 0.57
N LEU B 37 -22.17 -4.33 -0.68
CA LEU B 37 -21.18 -3.30 -0.98
C LEU B 37 -21.55 -1.95 -0.35
N GLU B 38 -22.81 -1.54 -0.48
CA GLU B 38 -23.18 -0.25 0.08
C GLU B 38 -23.08 -0.25 1.61
N ALA B 39 -23.55 -1.32 2.25
CA ALA B 39 -23.43 -1.41 3.70
C ALA B 39 -21.98 -1.43 4.14
N PHE B 40 -21.10 -2.10 3.38
CA PHE B 40 -19.68 -2.10 3.69
C PHE B 40 -19.13 -0.69 3.66
N LYS B 41 -19.45 0.06 2.61
CA LYS B 41 -18.92 1.41 2.48
C LYS B 41 -19.47 2.33 3.57
N ALA B 42 -20.72 2.11 4.01
CA ALA B 42 -21.22 2.92 5.12
C ALA B 42 -20.43 2.63 6.39
N TYR B 43 -20.11 1.35 6.63
CA TYR B 43 -19.31 1.00 7.80
C TYR B 43 -17.90 1.59 7.72
N CYS B 44 -17.38 1.78 6.51
CA CYS B 44 -16.03 2.35 6.38
C CYS B 44 -15.93 3.70 7.09
N ALA B 45 -16.98 4.52 7.00
CA ALA B 45 -16.96 5.80 7.70
C ALA B 45 -16.92 5.62 9.21
N VAL B 46 -17.56 4.56 9.71
CA VAL B 46 -17.54 4.27 11.15
C VAL B 46 -16.16 3.79 11.56
N PHE B 47 -15.54 2.91 10.76
CA PHE B 47 -14.18 2.49 11.05
C PHE B 47 -13.21 3.66 11.03
N ILE B 48 -13.42 4.60 10.10
CA ILE B 48 -12.55 5.77 10.01
C ILE B 48 -12.72 6.67 11.23
N GLU B 49 -13.96 6.89 11.66
CA GLU B 49 -14.16 7.67 12.88
C GLU B 49 -13.46 7.04 14.07
N LYS B 50 -13.62 5.72 14.24
CA LYS B 50 -13.03 5.03 15.38
C LYS B 50 -11.51 5.05 15.30
N THR B 51 -10.95 4.81 14.11
CA THR B 51 -9.51 4.76 13.95
C THR B 51 -8.88 6.15 14.10
N SER B 52 -9.62 7.20 13.76
CA SER B 52 -9.11 8.57 13.89
C SER B 52 -8.75 8.93 15.32
N LYS B 53 -9.19 8.15 16.31
CA LYS B 53 -8.85 8.45 17.69
C LYS B 53 -7.51 7.86 18.10
N GLU B 54 -6.88 7.08 17.23
CA GLU B 54 -5.61 6.42 17.55
C GLU B 54 -4.46 7.37 17.28
N PRO B 55 -3.68 7.77 18.28
CA PRO B 55 -2.57 8.70 18.01
C PRO B 55 -1.51 8.10 17.11
N GLY B 56 -1.36 6.78 17.13
CA GLY B 56 -0.36 6.12 16.33
C GLY B 56 -0.79 5.81 14.91
N CYS B 57 -2.02 6.10 14.52
CA CYS B 57 -2.45 5.91 13.15
C CYS B 57 -2.23 7.18 12.35
N LEU B 58 -1.42 7.08 11.29
CA LEU B 58 -1.10 8.22 10.44
C LEU B 58 -1.93 8.29 9.16
N TYR B 59 -2.52 7.16 8.74
CA TYR B 59 -3.24 7.12 7.48
C TYR B 59 -4.13 5.88 7.51
N TYR B 60 -5.36 6.03 7.01
CA TYR B 60 -6.33 4.94 7.03
C TYR B 60 -7.30 5.21 5.89
N GLY B 61 -7.10 4.54 4.75
CA GLY B 61 -7.88 4.82 3.55
C GLY B 61 -8.37 3.58 2.86
N PHE B 62 -9.63 3.63 2.43
CA PHE B 62 -10.32 2.51 1.79
C PHE B 62 -10.43 2.75 0.29
N SER B 63 -10.06 1.74 -0.49
CA SER B 63 -10.12 1.82 -1.95
C SER B 63 -10.79 0.56 -2.49
N PHE B 64 -11.29 0.65 -3.71
CA PHE B 64 -12.13 -0.43 -4.24
C PHE B 64 -11.82 -0.71 -5.70
N ASN B 65 -11.68 -2.00 -6.02
CA ASN B 65 -11.62 -2.49 -7.38
C ASN B 65 -12.90 -3.31 -7.59
N GLY B 66 -13.97 -2.62 -7.93
CA GLY B 66 -15.27 -3.25 -8.00
C GLY B 66 -15.67 -3.74 -6.62
N THR B 67 -15.93 -5.04 -6.50
CA THR B 67 -16.27 -5.63 -5.22
C THR B 67 -15.05 -5.97 -4.38
N GLN B 68 -13.84 -5.82 -4.91
CA GLN B 68 -12.63 -6.04 -4.12
C GLN B 68 -12.32 -4.77 -3.34
N GLY B 69 -12.32 -4.89 -2.01
CA GLY B 69 -11.99 -3.77 -1.15
C GLY B 69 -10.57 -3.87 -0.61
N HIS B 70 -10.08 -2.77 -0.08
CA HIS B 70 -8.70 -2.65 0.35
C HIS B 70 -8.62 -1.51 1.37
N CYS B 71 -7.80 -1.69 2.41
CA CYS B 71 -7.46 -0.58 3.29
C CYS B 71 -5.95 -0.44 3.34
N ARG B 72 -5.48 0.80 3.21
CA ARG B 72 -4.07 1.14 3.40
C ARG B 72 -3.99 1.79 4.77
N GLU B 73 -3.31 1.14 5.70
CA GLU B 73 -3.23 1.59 7.08
C GLU B 73 -1.76 1.82 7.43
N VAL B 74 -1.44 3.03 7.88
CA VAL B 74 -0.06 3.37 8.26
C VAL B 74 -0.04 3.67 9.75
N TYR B 75 0.85 3.00 10.48
CA TYR B 75 1.01 3.21 11.91
C TYR B 75 2.43 3.63 12.22
N SER B 76 2.59 4.43 13.28
CA SER B 76 3.91 4.95 13.58
C SER B 76 4.89 3.89 14.04
N ASP B 77 4.41 2.75 14.53
CA ASP B 77 5.27 1.62 14.90
C ASP B 77 4.40 0.39 15.08
N ALA B 78 5.04 -0.73 15.45
CA ALA B 78 4.30 -1.98 15.62
C ALA B 78 3.24 -1.87 16.70
N GLN B 79 3.55 -1.15 17.79
CA GLN B 79 2.55 -0.98 18.86
C GLN B 79 1.30 -0.31 18.34
N GLY B 80 1.46 0.64 17.39
CA GLY B 80 0.30 1.28 16.82
C GLY B 80 -0.63 0.31 16.12
N LEU B 81 -0.08 -0.63 15.35
CA LEU B 81 -0.91 -1.64 14.71
C LEU B 81 -1.61 -2.51 15.75
N LEU B 82 -0.90 -2.91 16.80
CA LEU B 82 -1.55 -3.70 17.85
C LEU B 82 -2.64 -2.91 18.55
N ASN B 83 -2.40 -1.62 18.83
CA ASN B 83 -3.45 -0.77 19.39
C ASN B 83 -4.67 -0.72 18.48
N HIS B 84 -4.46 -0.68 17.16
CA HIS B 84 -5.58 -0.58 16.22
C HIS B 84 -6.44 -1.83 16.26
N LEU B 85 -5.81 -3.01 16.31
CA LEU B 85 -6.57 -4.25 16.35
C LEU B 85 -7.45 -4.34 17.58
N VAL B 86 -6.95 -3.85 18.72
CA VAL B 86 -7.76 -3.83 19.93
C VAL B 86 -8.86 -2.79 19.81
N ASN B 87 -8.50 -1.61 19.30
CA ASN B 87 -9.45 -0.49 19.18
C ASN B 87 -10.60 -0.84 18.26
N ILE B 88 -10.33 -1.62 17.20
CA ILE B 88 -11.32 -1.88 16.16
C ILE B 88 -12.06 -3.19 16.37
N ALA B 89 -11.75 -3.93 17.43
CA ALA B 89 -12.27 -5.29 17.56
C ALA B 89 -13.79 -5.32 17.66
N GLU B 90 -14.38 -4.38 18.42
CA GLU B 90 -15.84 -4.39 18.56
C GLU B 90 -16.53 -4.10 17.23
N LEU B 91 -15.99 -3.17 16.45
CA LEU B 91 -16.56 -2.89 15.14
C LEU B 91 -16.38 -4.08 14.20
N ASN B 92 -15.23 -4.75 14.27
CA ASN B 92 -15.00 -5.93 13.45
C ASN B 92 -16.11 -6.96 13.66
N SER B 93 -16.47 -7.22 14.92
CA SER B 93 -17.51 -8.21 15.20
C SER B 93 -18.87 -7.74 14.70
N GLU B 94 -19.15 -6.43 14.71
CA GLU B 94 -20.43 -5.96 14.20
C GLU B 94 -20.53 -6.16 12.70
N ALA B 95 -19.46 -5.87 11.97
CA ALA B 95 -19.48 -5.85 10.52
C ALA B 95 -18.91 -7.11 9.88
N PHE B 96 -18.50 -8.11 10.66
CA PHE B 96 -17.74 -9.22 10.09
C PHE B 96 -18.54 -10.05 9.09
N HIS B 97 -19.86 -9.91 9.06
CA HIS B 97 -20.69 -10.68 8.13
C HIS B 97 -20.84 -10.04 6.77
N LEU B 98 -20.23 -8.86 6.54
CA LEU B 98 -20.41 -8.17 5.27
C LEU B 98 -19.36 -8.53 4.23
N ALA B 99 -18.23 -9.11 4.63
CA ALA B 99 -17.16 -9.42 3.68
C ALA B 99 -16.20 -10.41 4.33
N SER B 100 -15.30 -10.95 3.51
CA SER B 100 -14.24 -11.85 3.97
C SER B 100 -12.90 -11.17 3.70
N ILE B 101 -12.02 -11.20 4.69
CA ILE B 101 -10.64 -10.77 4.47
C ILE B 101 -9.90 -11.94 3.83
N VAL B 102 -9.46 -11.75 2.58
CA VAL B 102 -8.85 -12.82 1.80
C VAL B 102 -7.34 -12.75 1.78
N ARG B 103 -6.76 -11.66 2.24
CA ARG B 103 -5.32 -11.49 2.28
C ARG B 103 -5.03 -10.35 3.24
N TYR B 104 -3.91 -10.45 3.97
CA TYR B 104 -3.53 -9.45 4.95
C TYR B 104 -2.01 -9.32 4.92
N GLU B 105 -1.53 -8.18 4.42
CA GLU B 105 -0.11 -7.93 4.32
C GLU B 105 0.32 -6.94 5.40
N VAL B 106 1.53 -7.13 5.93
CA VAL B 106 2.13 -6.19 6.85
C VAL B 106 3.53 -5.88 6.35
N HIS B 107 3.80 -4.59 6.11
CA HIS B 107 5.06 -4.13 5.56
C HIS B 107 5.75 -3.23 6.58
N GLY B 108 7.06 -3.43 6.77
CA GLY B 108 7.81 -2.57 7.66
C GLY B 108 9.21 -3.09 7.90
N PRO B 109 10.00 -2.37 8.70
CA PRO B 109 11.36 -2.83 9.00
C PRO B 109 11.32 -4.10 9.86
N ARG B 110 12.38 -4.91 9.71
CA ARG B 110 12.43 -6.22 10.37
C ARG B 110 12.25 -6.09 11.88
N GLU B 111 12.88 -5.08 12.47
CA GLU B 111 12.85 -4.97 13.93
C GLU B 111 11.44 -4.69 14.46
N GLU B 112 10.59 -4.04 13.66
CA GLU B 112 9.21 -3.87 14.07
C GLU B 112 8.36 -5.10 13.75
N LEU B 113 8.56 -5.70 12.57
CA LEU B 113 7.80 -6.91 12.24
C LEU B 113 8.11 -8.06 13.18
N ASP B 114 9.32 -8.09 13.75
CA ASP B 114 9.65 -9.10 14.75
C ASP B 114 8.70 -9.04 15.94
N LYS B 115 8.21 -7.85 16.28
CA LYS B 115 7.27 -7.70 17.38
C LYS B 115 5.85 -8.11 17.01
N LEU B 116 5.59 -8.37 15.73
CA LEU B 116 4.24 -8.66 15.27
C LEU B 116 4.04 -10.10 14.84
N ARG B 117 5.11 -10.85 14.56
CA ARG B 117 4.94 -12.19 14.01
C ARG B 117 4.18 -13.11 14.97
N GLY B 118 4.38 -12.96 16.27
CA GLY B 118 3.65 -13.73 17.25
C GLY B 118 2.20 -13.30 17.39
N PRO B 119 1.99 -12.04 17.82
CA PRO B 119 0.61 -11.55 18.01
C PRO B 119 -0.29 -11.67 16.79
N LEU B 120 0.23 -11.53 15.57
CA LEU B 120 -0.59 -11.47 14.37
C LEU B 120 -0.77 -12.81 13.68
N ALA B 121 -0.23 -13.90 14.23
CA ALA B 121 -0.26 -15.19 13.53
C ALA B 121 -1.69 -15.59 13.15
N PHE B 122 -2.69 -15.20 13.95
CA PHE B 122 -4.06 -15.59 13.67
C PHE B 122 -4.60 -14.99 12.39
N MET B 123 -3.99 -13.91 11.89
CA MET B 123 -4.38 -13.32 10.63
C MET B 123 -3.71 -13.99 9.44
N LYS B 124 -2.81 -14.93 9.68
CA LYS B 124 -1.98 -15.54 8.64
C LYS B 124 -1.37 -14.46 7.76
N PRO B 125 -0.65 -13.50 8.34
CA PRO B 125 -0.22 -12.34 7.54
C PRO B 125 0.89 -12.71 6.58
N GLN B 126 0.98 -11.93 5.51
CA GLN B 126 2.12 -11.96 4.60
C GLN B 126 3.02 -10.81 5.00
N PHE B 127 4.20 -11.13 5.55
CA PHE B 127 5.11 -10.13 6.07
C PHE B 127 6.13 -9.74 5.01
N PHE B 128 6.20 -8.45 4.69
CA PHE B 128 7.18 -7.90 3.75
C PHE B 128 8.13 -6.98 4.51
N GLU B 129 9.41 -7.38 4.61
CA GLU B 129 10.41 -6.62 5.35
C GLU B 129 11.00 -5.55 4.43
N LEU B 130 10.84 -4.28 4.84
CA LEU B 130 11.37 -3.16 4.08
C LEU B 130 12.89 -3.12 4.25
N GLU B 131 13.60 -3.09 3.11
CA GLU B 131 15.06 -3.18 3.16
C GLU B 131 15.79 -2.01 2.52
N GLN B 132 15.22 -1.36 1.52
CA GLN B 132 15.86 -0.24 0.84
C GLN B 132 14.79 0.77 0.46
N CYS B 133 15.04 2.05 0.71
CA CYS B 133 13.98 3.04 0.60
C CYS B 133 14.54 4.42 0.30
N PHE B 134 13.76 5.19 -0.46
CA PHE B 134 13.89 6.63 -0.63
C PHE B 134 12.57 7.25 -0.22
N SER B 135 12.63 8.39 0.46
CA SER B 135 11.41 9.15 0.73
C SER B 135 11.77 10.60 0.96
N ARG B 136 10.83 11.48 0.65
CA ARG B 136 11.03 12.90 0.86
C ARG B 136 10.77 13.24 2.33
N PRO B 137 11.39 14.31 2.85
CA PRO B 137 11.24 14.64 4.28
C PRO B 137 9.81 14.80 4.74
N SER B 138 8.86 14.92 3.80
CA SER B 138 7.47 15.19 4.12
C SER B 138 6.64 13.92 4.31
N VAL B 139 7.11 12.77 3.83
CA VAL B 139 6.28 11.59 3.64
C VAL B 139 6.98 10.38 4.26
N VAL B 140 6.39 9.84 5.34
CA VAL B 140 7.02 8.74 6.07
C VAL B 140 6.62 7.36 5.57
N ALA B 141 5.60 7.26 4.72
CA ALA B 141 5.13 5.96 4.26
C ALA B 141 4.16 6.09 3.09
#